data_2BNE
#
_entry.id   2BNE
#
_cell.length_a   140.434
_cell.length_b   140.434
_cell.length_c   59.993
_cell.angle_alpha   90.00
_cell.angle_beta   90.00
_cell.angle_gamma   120.00
#
_symmetry.space_group_name_H-M   'H 3'
#
loop_
_entity.id
_entity.type
_entity.pdbx_description
1 polymer 'URIDYLATE KINASE'
2 non-polymer "URIDINE-5'-MONOPHOSPHATE"
3 non-polymer GLYCEROL
4 water water
#
_entity_poly.entity_id   1
_entity_poly.type   'polypeptide(L)'
_entity_poly.pdbx_seq_one_letter_code
;MATNAKPVYKRILLKLSGEALQGTEGFGIDASILDRMAQEIKELVELGIQVGVVIGGGNLFRGAGLAKAGMNRVVGDHMG
MLATVMNGLAMRDALHRAYVNARLMSAIPLNGVCDSYSWAEAISLLRNNRVVILSAGTGNPFFTTDSAACLRGIEIEANV
VLKATKVDGVFTADPAKDPTATMYEQLTYSEVLEKELKVMDLAAFTLARDHKLPIRVFNMNKPGALRRVVMGEKEGTLIT
E
;
_entity_poly.pdbx_strand_id   A,B
#
# COMPACT_ATOMS: atom_id res chain seq x y z
N ALA A 5 -19.59 37.39 -5.69
CA ALA A 5 -19.70 36.02 -5.10
C ALA A 5 -18.33 35.40 -4.84
N LYS A 6 -17.80 35.64 -3.65
CA LYS A 6 -16.50 35.11 -3.24
C LYS A 6 -16.71 33.88 -2.36
N PRO A 7 -15.64 33.06 -2.16
CA PRO A 7 -15.80 31.87 -1.33
C PRO A 7 -16.13 32.21 0.13
N VAL A 8 -16.70 31.24 0.85
CA VAL A 8 -17.09 31.44 2.25
C VAL A 8 -16.07 30.92 3.26
N TYR A 9 -15.07 30.18 2.79
CA TYR A 9 -14.05 29.63 3.68
C TYR A 9 -12.67 30.04 3.17
N LYS A 10 -11.72 30.17 4.09
CA LYS A 10 -10.35 30.55 3.73
C LYS A 10 -9.43 29.33 3.76
N ARG A 11 -9.57 28.53 4.81
CA ARG A 11 -8.80 27.31 4.96
C ARG A 11 -9.78 26.20 5.29
N ILE A 12 -9.64 25.08 4.60
CA ILE A 12 -10.54 23.96 4.82
C ILE A 12 -9.75 22.67 4.98
N LEU A 13 -10.37 21.66 5.56
CA LEU A 13 -9.74 20.37 5.71
C LEU A 13 -10.63 19.44 4.91
N LEU A 14 -10.19 19.10 3.71
CA LEU A 14 -10.94 18.24 2.82
C LEU A 14 -10.66 16.78 3.17
N LYS A 15 -11.70 16.04 3.49
CA LYS A 15 -11.55 14.63 3.85
C LYS A 15 -12.11 13.77 2.73
N LEU A 16 -11.20 13.08 2.04
CA LEU A 16 -11.56 12.22 0.95
C LEU A 16 -11.54 10.78 1.47
N SER A 17 -12.69 10.11 1.41
CA SER A 17 -12.79 8.73 1.84
C SER A 17 -12.07 7.91 0.77
N GLY A 18 -11.46 6.80 1.18
CA GLY A 18 -10.75 5.98 0.22
C GLY A 18 -11.61 5.37 -0.88
N GLU A 19 -12.86 5.05 -0.57
CA GLU A 19 -13.73 4.44 -1.57
C GLU A 19 -14.04 5.40 -2.72
N ALA A 20 -13.89 6.69 -2.47
CA ALA A 20 -14.18 7.70 -3.48
C ALA A 20 -13.20 7.63 -4.65
N LEU A 21 -12.06 6.99 -4.44
CA LEU A 21 -11.06 6.86 -5.49
C LEU A 21 -11.11 5.53 -6.24
N GLN A 22 -12.12 4.72 -5.94
CA GLN A 22 -12.27 3.42 -6.59
C GLN A 22 -13.00 3.48 -7.92
N GLY A 23 -12.61 2.60 -8.84
CA GLY A 23 -13.27 2.56 -10.13
C GLY A 23 -14.56 1.79 -10.01
N THR A 24 -15.02 1.22 -11.13
CA THR A 24 -16.25 0.45 -11.13
C THR A 24 -16.06 -0.84 -10.35
N GLU A 25 -14.88 -1.43 -10.50
CA GLU A 25 -14.54 -2.68 -9.82
C GLU A 25 -14.67 -2.56 -8.30
N GLY A 26 -14.60 -1.32 -7.80
CA GLY A 26 -14.71 -1.09 -6.37
C GLY A 26 -13.45 -1.49 -5.63
N PHE A 27 -12.30 -1.24 -6.24
CA PHE A 27 -11.01 -1.57 -5.63
C PHE A 27 -9.93 -0.71 -6.26
N GLY A 28 -8.73 -0.74 -5.68
CA GLY A 28 -7.62 0.04 -6.20
C GLY A 28 -7.92 1.53 -6.35
N ILE A 29 -7.20 2.18 -7.26
CA ILE A 29 -7.40 3.59 -7.50
C ILE A 29 -7.77 3.84 -8.94
N ASP A 30 -8.75 4.73 -9.16
CA ASP A 30 -9.19 5.04 -10.52
C ASP A 30 -8.71 6.40 -11.01
N ALA A 31 -7.77 6.36 -11.95
CA ALA A 31 -7.18 7.56 -12.54
C ALA A 31 -8.17 8.70 -12.78
N SER A 32 -9.24 8.41 -13.53
CA SER A 32 -10.23 9.42 -13.87
C SER A 32 -10.78 10.23 -12.70
N ILE A 33 -11.10 9.58 -11.60
CA ILE A 33 -11.63 10.26 -10.43
C ILE A 33 -10.58 11.20 -9.83
N LEU A 34 -9.36 10.67 -9.73
CA LEU A 34 -8.24 11.42 -9.17
C LEU A 34 -7.99 12.66 -10.02
N ASP A 35 -8.02 12.45 -11.34
CA ASP A 35 -7.81 13.53 -12.28
C ASP A 35 -8.87 14.62 -12.16
N ARG A 36 -10.10 14.22 -11.89
CA ARG A 36 -11.18 15.20 -11.76
C ARG A 36 -11.05 15.96 -10.45
N MET A 37 -10.70 15.25 -9.37
CA MET A 37 -10.53 15.89 -8.07
C MET A 37 -9.42 16.93 -8.14
N ALA A 38 -8.36 16.62 -8.89
CA ALA A 38 -7.25 17.54 -9.02
C ALA A 38 -7.73 18.84 -9.65
N GLN A 39 -8.64 18.73 -10.60
CA GLN A 39 -9.19 19.89 -11.28
C GLN A 39 -10.07 20.70 -10.34
N GLU A 40 -10.86 20.01 -9.51
CA GLU A 40 -11.73 20.69 -8.56
C GLU A 40 -10.93 21.35 -7.44
N ILE A 41 -9.87 20.69 -6.99
CA ILE A 41 -9.05 21.26 -5.94
C ILE A 41 -8.27 22.43 -6.56
N LYS A 42 -7.85 22.27 -7.81
CA LYS A 42 -7.13 23.31 -8.51
C LYS A 42 -7.94 24.60 -8.46
N GLU A 43 -9.22 24.49 -8.75
CA GLU A 43 -10.11 25.63 -8.74
C GLU A 43 -10.16 26.31 -7.39
N LEU A 44 -10.19 25.53 -6.31
CA LEU A 44 -10.24 26.11 -4.97
C LEU A 44 -8.95 26.89 -4.70
N VAL A 45 -7.81 26.30 -5.04
CA VAL A 45 -6.53 26.97 -4.85
C VAL A 45 -6.51 28.32 -5.54
N GLU A 46 -6.98 28.35 -6.79
CA GLU A 46 -7.03 29.59 -7.55
C GLU A 46 -7.99 30.57 -6.90
N LEU A 47 -9.03 30.05 -6.25
CA LEU A 47 -10.01 30.92 -5.59
C LEU A 47 -9.45 31.46 -4.30
N GLY A 48 -8.18 31.14 -4.02
CA GLY A 48 -7.54 31.63 -2.81
C GLY A 48 -7.81 30.78 -1.57
N ILE A 49 -8.50 29.66 -1.74
CA ILE A 49 -8.81 28.79 -0.61
C ILE A 49 -7.63 27.88 -0.27
N GLN A 50 -7.23 27.89 1.00
CA GLN A 50 -6.12 27.06 1.45
C GLN A 50 -6.70 25.68 1.73
N VAL A 51 -6.08 24.66 1.14
CA VAL A 51 -6.58 23.31 1.27
C VAL A 51 -5.68 22.28 1.92
N GLY A 52 -6.22 21.65 2.96
CA GLY A 52 -5.53 20.58 3.65
C GLY A 52 -6.36 19.38 3.26
N VAL A 53 -5.73 18.27 2.89
CA VAL A 53 -6.47 17.09 2.50
C VAL A 53 -6.09 15.85 3.30
N VAL A 54 -7.08 15.26 3.97
CA VAL A 54 -6.83 14.02 4.70
C VAL A 54 -7.47 12.93 3.87
N ILE A 55 -6.66 11.97 3.44
CA ILE A 55 -7.17 10.92 2.59
C ILE A 55 -7.33 9.56 3.27
N GLY A 56 -8.38 8.84 2.87
CA GLY A 56 -8.64 7.54 3.44
C GLY A 56 -7.82 6.45 2.81
N GLY A 57 -8.08 5.21 3.20
CA GLY A 57 -7.34 4.09 2.65
C GLY A 57 -8.20 2.84 2.49
N GLY A 58 -9.44 2.93 2.97
CA GLY A 58 -10.35 1.80 2.89
C GLY A 58 -10.60 1.21 1.51
N ASN A 59 -10.11 1.86 0.47
CA ASN A 59 -10.28 1.34 -0.88
C ASN A 59 -9.18 0.31 -1.13
N LEU A 60 -8.30 0.16 -0.16
CA LEU A 60 -7.22 -0.81 -0.28
C LEU A 60 -7.24 -1.73 0.94
N PHE A 61 -7.08 -1.16 2.14
CA PHE A 61 -7.07 -1.98 3.35
C PHE A 61 -7.72 -1.31 4.56
N ARG A 62 -8.42 -2.12 5.35
CA ARG A 62 -9.04 -1.66 6.57
C ARG A 62 -8.49 -2.59 7.66
N GLY A 63 -7.81 -2.02 8.64
CA GLY A 63 -7.23 -2.81 9.71
C GLY A 63 -8.23 -3.77 10.31
N ALA A 64 -9.37 -3.24 10.72
CA ALA A 64 -10.42 -4.08 11.32
C ALA A 64 -10.70 -5.26 10.42
N GLY A 65 -10.86 -5.00 9.13
CA GLY A 65 -11.14 -6.06 8.19
C GLY A 65 -10.06 -7.12 8.14
N LEU A 66 -8.80 -6.68 8.21
CA LEU A 66 -7.69 -7.61 8.19
C LEU A 66 -7.62 -8.41 9.49
N ALA A 67 -8.00 -7.78 10.59
CA ALA A 67 -7.99 -8.43 11.89
C ALA A 67 -8.96 -9.61 11.92
N LYS A 68 -10.17 -9.40 11.41
CA LYS A 68 -11.16 -10.47 11.39
C LYS A 68 -10.60 -11.68 10.65
N ALA A 69 -9.79 -11.42 9.63
CA ALA A 69 -9.19 -12.51 8.87
C ALA A 69 -8.11 -13.22 9.67
N GLY A 70 -7.76 -12.68 10.84
CA GLY A 70 -6.76 -13.29 11.69
C GLY A 70 -5.49 -12.50 12.01
N MET A 71 -5.26 -11.43 11.25
CA MET A 71 -4.07 -10.61 11.47
C MET A 71 -4.12 -9.79 12.75
N ASN A 72 -2.95 -9.48 13.31
CA ASN A 72 -2.91 -8.67 14.51
C ASN A 72 -3.48 -7.31 14.12
N ARG A 73 -4.42 -6.82 14.90
CA ARG A 73 -5.06 -5.54 14.61
C ARG A 73 -4.07 -4.39 14.38
N VAL A 74 -3.03 -4.31 15.20
CA VAL A 74 -2.07 -3.22 15.03
C VAL A 74 -1.40 -3.25 13.66
N VAL A 75 -0.98 -4.43 13.22
CA VAL A 75 -0.34 -4.56 11.93
C VAL A 75 -1.37 -4.27 10.82
N GLY A 76 -2.62 -4.65 11.07
CA GLY A 76 -3.66 -4.39 10.10
C GLY A 76 -3.85 -2.90 9.94
N ASP A 77 -3.82 -2.17 11.06
CA ASP A 77 -3.99 -0.73 11.03
C ASP A 77 -2.77 -0.05 10.39
N HIS A 78 -1.58 -0.63 10.57
CA HIS A 78 -0.38 -0.07 9.95
C HIS A 78 -0.54 -0.20 8.44
N MET A 79 -1.08 -1.33 8.00
CA MET A 79 -1.25 -1.52 6.58
C MET A 79 -2.27 -0.50 6.10
N GLY A 80 -3.33 -0.31 6.87
CA GLY A 80 -4.37 0.64 6.50
C GLY A 80 -3.77 2.03 6.35
N MET A 81 -2.95 2.42 7.32
CA MET A 81 -2.33 3.73 7.25
C MET A 81 -1.44 3.81 6.01
N LEU A 82 -0.68 2.75 5.73
CA LEU A 82 0.16 2.76 4.55
C LEU A 82 -0.68 2.95 3.31
N ALA A 83 -1.87 2.34 3.30
CA ALA A 83 -2.77 2.45 2.17
C ALA A 83 -3.12 3.92 1.93
N THR A 84 -3.28 4.69 3.01
CA THR A 84 -3.61 6.09 2.84
C THR A 84 -2.43 6.84 2.22
N VAL A 85 -1.22 6.37 2.48
CA VAL A 85 -0.04 7.01 1.90
C VAL A 85 -0.04 6.73 0.40
N MET A 86 -0.49 5.54 0.01
CA MET A 86 -0.56 5.18 -1.40
C MET A 86 -1.54 6.08 -2.11
N ASN A 87 -2.68 6.34 -1.49
CA ASN A 87 -3.70 7.22 -2.07
C ASN A 87 -3.15 8.63 -2.09
N GLY A 88 -2.53 9.05 -0.98
CA GLY A 88 -1.95 10.38 -0.92
C GLY A 88 -0.96 10.58 -2.05
N LEU A 89 -0.19 9.54 -2.32
CA LEU A 89 0.83 9.56 -3.37
C LEU A 89 0.16 9.78 -4.73
N ALA A 90 -0.86 8.98 -5.02
CA ALA A 90 -1.57 9.09 -6.30
C ALA A 90 -2.27 10.44 -6.41
N MET A 91 -2.86 10.92 -5.32
CA MET A 91 -3.56 12.19 -5.35
C MET A 91 -2.57 13.34 -5.58
N ARG A 92 -1.44 13.31 -4.86
CA ARG A 92 -0.45 14.36 -5.04
C ARG A 92 -0.02 14.41 -6.50
N ASP A 93 0.26 13.24 -7.08
CA ASP A 93 0.67 13.20 -8.47
C ASP A 93 -0.37 13.80 -9.40
N ALA A 94 -1.64 13.47 -9.17
CA ALA A 94 -2.72 14.01 -9.97
C ALA A 94 -2.69 15.55 -9.85
N LEU A 95 -2.39 16.04 -8.66
CA LEU A 95 -2.30 17.47 -8.43
C LEU A 95 -1.14 18.07 -9.22
N HIS A 96 0.03 17.43 -9.15
CA HIS A 96 1.19 17.96 -9.87
C HIS A 96 0.96 17.95 -11.38
N ARG A 97 0.35 16.90 -11.90
CA ARG A 97 0.12 16.84 -13.33
C ARG A 97 -0.93 17.83 -13.77
N ALA A 98 -1.66 18.37 -12.80
CA ALA A 98 -2.67 19.37 -13.07
C ALA A 98 -2.06 20.75 -12.78
N TYR A 99 -0.76 20.77 -12.52
CA TYR A 99 -0.03 21.99 -12.24
C TYR A 99 -0.53 22.70 -10.99
N VAL A 100 -0.71 21.91 -9.94
CA VAL A 100 -1.15 22.45 -8.67
C VAL A 100 -0.02 22.15 -7.68
N ASN A 101 0.47 23.17 -7.00
CA ASN A 101 1.54 22.97 -6.02
C ASN A 101 0.97 22.17 -4.87
N ALA A 102 1.60 21.03 -4.58
CA ALA A 102 1.12 20.18 -3.51
C ALA A 102 2.25 19.41 -2.84
N ARG A 103 2.08 19.20 -1.53
CA ARG A 103 3.05 18.48 -0.73
C ARG A 103 2.34 17.36 0.01
N LEU A 104 2.90 16.16 -0.05
CA LEU A 104 2.33 15.03 0.68
C LEU A 104 3.10 14.86 1.97
N MET A 105 2.38 14.88 3.09
CA MET A 105 3.01 14.68 4.37
C MET A 105 2.48 13.37 4.95
N SER A 106 3.22 12.76 5.86
CA SER A 106 2.82 11.50 6.47
C SER A 106 3.03 11.50 7.98
N ALA A 107 2.05 10.98 8.72
CA ALA A 107 2.16 10.92 10.17
C ALA A 107 3.16 9.81 10.51
N ILE A 108 3.45 8.97 9.52
CA ILE A 108 4.40 7.89 9.67
C ILE A 108 5.51 8.20 8.68
N PRO A 109 6.67 8.63 9.19
CA PRO A 109 7.85 8.99 8.38
C PRO A 109 8.15 8.00 7.26
N LEU A 110 8.23 8.50 6.03
CA LEU A 110 8.53 7.65 4.88
C LEU A 110 9.56 8.34 3.97
N ASN A 111 10.75 8.57 4.52
CA ASN A 111 11.85 9.22 3.81
C ASN A 111 11.85 8.96 2.30
N GLY A 112 12.14 10.02 1.53
CA GLY A 112 12.19 9.91 0.08
C GLY A 112 10.84 10.04 -0.61
N VAL A 113 9.92 9.12 -0.30
CA VAL A 113 8.57 9.09 -0.87
C VAL A 113 7.83 10.42 -0.71
N CYS A 114 7.73 10.86 0.54
CA CYS A 114 7.06 12.11 0.86
C CYS A 114 7.69 12.67 2.12
N ASP A 115 7.07 13.68 2.71
CA ASP A 115 7.62 14.29 3.92
C ASP A 115 6.85 13.86 5.16
N SER A 116 7.52 13.95 6.30
CA SER A 116 6.86 13.60 7.55
C SER A 116 5.98 14.77 7.97
N TYR A 117 4.78 14.47 8.44
CA TYR A 117 3.87 15.51 8.86
C TYR A 117 4.55 16.46 9.83
N SER A 118 4.40 17.75 9.58
CA SER A 118 4.97 18.77 10.44
C SER A 118 4.00 19.93 10.51
N TRP A 119 3.45 20.17 11.69
CA TRP A 119 2.48 21.22 11.89
C TRP A 119 2.97 22.58 11.37
N ALA A 120 4.13 23.01 11.86
CA ALA A 120 4.70 24.29 11.45
C ALA A 120 4.84 24.34 9.95
N GLU A 121 5.42 23.29 9.38
CA GLU A 121 5.63 23.22 7.95
C GLU A 121 4.28 23.28 7.25
N ALA A 122 3.32 22.49 7.72
CA ALA A 122 1.99 22.46 7.15
C ALA A 122 1.36 23.84 7.08
N ILE A 123 1.43 24.59 8.18
CA ILE A 123 0.84 25.92 8.19
C ILE A 123 1.55 26.80 7.20
N SER A 124 2.88 26.70 7.18
CA SER A 124 3.65 27.52 6.26
C SER A 124 3.26 27.19 4.80
N LEU A 125 3.07 25.92 4.49
CA LEU A 125 2.70 25.53 3.14
C LEU A 125 1.33 26.07 2.76
N LEU A 126 0.36 25.94 3.68
CA LEU A 126 -0.98 26.43 3.42
C LEU A 126 -0.98 27.94 3.16
N ARG A 127 -0.23 28.68 3.98
CA ARG A 127 -0.17 30.12 3.81
C ARG A 127 0.43 30.46 2.45
N ASN A 128 1.25 29.56 1.93
CA ASN A 128 1.87 29.77 0.63
C ASN A 128 1.06 29.14 -0.50
N ASN A 129 -0.19 28.82 -0.21
CA ASN A 129 -1.10 28.25 -1.19
C ASN A 129 -0.67 26.91 -1.75
N ARG A 130 -0.05 26.08 -0.91
CA ARG A 130 0.34 24.75 -1.34
C ARG A 130 -0.75 23.82 -0.81
N VAL A 131 -1.19 22.88 -1.63
CA VAL A 131 -2.18 21.92 -1.17
C VAL A 131 -1.39 20.95 -0.31
N VAL A 132 -1.80 20.76 0.92
CA VAL A 132 -1.10 19.86 1.82
C VAL A 132 -1.93 18.59 1.99
N ILE A 133 -1.35 17.46 1.61
CA ILE A 133 -2.03 16.18 1.73
C ILE A 133 -1.49 15.48 2.97
N LEU A 134 -2.38 15.15 3.91
CA LEU A 134 -2.02 14.47 5.15
C LEU A 134 -2.37 13.00 5.07
N SER A 135 -1.36 12.14 5.08
CA SER A 135 -1.60 10.70 5.00
C SER A 135 -1.20 9.97 6.29
N ALA A 136 -1.62 8.70 6.38
CA ALA A 136 -1.37 7.84 7.54
C ALA A 136 -2.20 8.34 8.71
N GLY A 137 -3.26 9.09 8.37
CA GLY A 137 -4.16 9.60 9.39
C GLY A 137 -3.51 10.16 10.64
N THR A 138 -3.87 9.61 11.79
CA THR A 138 -3.34 10.08 13.06
C THR A 138 -2.03 9.40 13.39
N GLY A 139 -1.67 8.39 12.61
CA GLY A 139 -0.42 7.69 12.88
C GLY A 139 -0.60 6.58 13.89
N ASN A 140 -1.77 6.50 14.52
CA ASN A 140 -2.02 5.46 15.50
C ASN A 140 -3.10 4.47 15.12
N PRO A 141 -2.93 3.20 15.51
CA PRO A 141 -3.94 2.18 15.19
C PRO A 141 -5.16 2.46 16.07
N PHE A 142 -6.27 1.83 15.74
CA PHE A 142 -7.52 1.98 16.48
C PHE A 142 -8.23 3.30 16.21
N PHE A 143 -7.83 3.99 15.14
CA PHE A 143 -8.45 5.25 14.74
C PHE A 143 -8.76 5.19 13.24
N THR A 144 -9.54 6.14 12.76
CA THR A 144 -9.92 6.21 11.36
C THR A 144 -9.41 7.52 10.79
N THR A 145 -9.43 7.66 9.46
CA THR A 145 -8.98 8.92 8.88
C THR A 145 -9.96 10.03 9.24
N ASP A 146 -11.20 9.67 9.60
CA ASP A 146 -12.14 10.69 10.01
C ASP A 146 -11.60 11.38 11.27
N SER A 147 -10.95 10.62 12.15
CA SER A 147 -10.38 11.23 13.35
C SER A 147 -9.21 12.12 12.97
N ALA A 148 -8.43 11.68 11.98
CA ALA A 148 -7.30 12.46 11.52
C ALA A 148 -7.81 13.77 10.89
N ALA A 149 -8.90 13.67 10.15
CA ALA A 149 -9.46 14.85 9.48
C ALA A 149 -9.84 15.88 10.52
N CYS A 150 -10.47 15.43 11.60
CA CYS A 150 -10.88 16.36 12.65
C CYS A 150 -9.66 16.88 13.41
N LEU A 151 -8.73 15.99 13.73
CA LEU A 151 -7.53 16.39 14.46
C LEU A 151 -6.71 17.39 13.64
N ARG A 152 -6.42 17.04 12.39
CA ARG A 152 -5.65 17.93 11.52
C ARG A 152 -6.41 19.23 11.25
N GLY A 153 -7.72 19.11 11.10
CA GLY A 153 -8.55 20.29 10.86
C GLY A 153 -8.38 21.27 12.00
N ILE A 154 -8.46 20.76 13.23
CA ILE A 154 -8.29 21.60 14.41
C ILE A 154 -6.88 22.15 14.48
N GLU A 155 -5.91 21.30 14.17
CA GLU A 155 -4.50 21.67 14.19
C GLU A 155 -4.18 22.83 13.25
N ILE A 156 -4.64 22.75 12.01
CA ILE A 156 -4.35 23.80 11.04
C ILE A 156 -5.36 24.92 11.11
N GLU A 157 -6.24 24.85 12.10
CA GLU A 157 -7.26 25.87 12.28
C GLU A 157 -8.09 26.08 11.01
N ALA A 158 -8.55 24.99 10.42
CA ALA A 158 -9.37 25.05 9.23
C ALA A 158 -10.72 25.64 9.64
N ASN A 159 -11.39 26.30 8.71
CA ASN A 159 -12.68 26.90 9.01
C ASN A 159 -13.74 25.82 9.03
N VAL A 160 -13.44 24.69 8.43
CA VAL A 160 -14.43 23.63 8.34
C VAL A 160 -13.79 22.36 7.81
N VAL A 161 -14.42 21.24 8.14
CA VAL A 161 -13.98 19.94 7.66
C VAL A 161 -15.03 19.53 6.64
N LEU A 162 -14.60 19.30 5.41
CA LEU A 162 -15.50 18.89 4.34
C LEU A 162 -15.37 17.39 4.17
N LYS A 163 -16.41 16.67 4.60
CA LYS A 163 -16.39 15.22 4.48
C LYS A 163 -17.05 14.83 3.16
N ALA A 164 -16.24 14.41 2.21
CA ALA A 164 -16.73 14.01 0.90
C ALA A 164 -17.18 12.55 0.92
N THR A 165 -18.49 12.35 0.74
CA THR A 165 -19.06 11.00 0.73
C THR A 165 -19.67 10.73 -0.63
N LYS A 166 -20.26 9.54 -0.78
CA LYS A 166 -20.91 9.15 -2.03
C LYS A 166 -22.38 9.52 -1.99
N VAL A 167 -22.75 10.28 -0.96
CA VAL A 167 -24.13 10.71 -0.77
C VAL A 167 -24.21 12.23 -0.70
N ASP A 168 -25.39 12.79 -1.01
CA ASP A 168 -25.59 14.23 -0.98
C ASP A 168 -25.32 14.83 0.38
N GLY A 169 -25.53 14.04 1.43
CA GLY A 169 -25.31 14.54 2.78
C GLY A 169 -25.77 13.61 3.88
N VAL A 170 -26.28 14.19 4.97
CA VAL A 170 -26.75 13.42 6.10
C VAL A 170 -28.25 13.19 5.96
N PHE A 171 -28.66 11.92 5.99
CA PHE A 171 -30.08 11.57 5.88
C PHE A 171 -30.65 11.08 7.20
N THR A 172 -31.98 10.97 7.27
CA THR A 172 -32.64 10.49 8.47
C THR A 172 -32.32 9.01 8.65
N ALA A 173 -31.83 8.40 7.57
CA ALA A 173 -31.44 6.99 7.54
C ALA A 173 -30.80 6.77 6.17
N ASP A 174 -29.97 5.74 6.04
CA ASP A 174 -29.32 5.47 4.77
C ASP A 174 -30.29 5.43 3.60
N PRO A 175 -30.30 6.49 2.78
CA PRO A 175 -31.21 6.55 1.64
C PRO A 175 -30.98 5.42 0.64
N PRO A 179 -35.19 4.55 1.59
CA PRO A 179 -36.24 4.82 0.60
C PRO A 179 -37.04 6.07 0.93
N THR A 180 -37.37 6.22 2.21
CA THR A 180 -38.13 7.37 2.68
C THR A 180 -37.19 8.47 3.17
N ALA A 181 -36.03 8.04 3.66
CA ALA A 181 -35.00 8.94 4.19
C ALA A 181 -34.83 10.29 3.49
N THR A 182 -34.81 11.35 4.28
CA THR A 182 -34.63 12.71 3.75
C THR A 182 -33.29 13.28 4.19
N MET A 183 -32.84 14.33 3.51
CA MET A 183 -31.54 14.94 3.83
C MET A 183 -31.62 16.21 4.66
N TYR A 184 -30.86 16.25 5.75
CA TYR A 184 -30.84 17.45 6.58
C TYR A 184 -29.95 18.47 5.90
N GLU A 185 -30.24 19.74 6.11
CA GLU A 185 -29.42 20.79 5.53
C GLU A 185 -28.48 21.33 6.60
N GLN A 186 -28.91 21.27 7.85
CA GLN A 186 -28.09 21.73 8.96
C GLN A 186 -28.42 20.92 10.20
N LEU A 187 -27.40 20.67 11.00
CA LEU A 187 -27.56 19.93 12.24
C LEU A 187 -26.56 20.44 13.24
N THR A 188 -26.78 20.08 14.49
CA THR A 188 -25.89 20.44 15.57
C THR A 188 -25.32 19.11 16.03
N TYR A 189 -24.19 19.16 16.71
CA TYR A 189 -23.59 17.94 17.21
C TYR A 189 -24.59 17.22 18.11
N SER A 190 -25.33 18.00 18.89
CA SER A 190 -26.33 17.46 19.81
C SER A 190 -27.42 16.68 19.09
N GLU A 191 -27.94 17.22 18.00
CA GLU A 191 -29.00 16.55 17.29
C GLU A 191 -28.48 15.29 16.60
N VAL A 192 -27.25 15.33 16.12
CA VAL A 192 -26.67 14.14 15.47
C VAL A 192 -26.65 12.99 16.49
N LEU A 193 -26.05 13.22 17.64
CA LEU A 193 -25.96 12.21 18.69
C LEU A 193 -27.34 11.76 19.13
N GLU A 194 -28.16 12.74 19.50
CA GLU A 194 -29.53 12.53 19.95
C GLU A 194 -30.31 11.59 19.05
N LYS A 195 -30.28 11.85 17.74
CA LYS A 195 -30.99 11.02 16.79
C LYS A 195 -30.14 9.87 16.28
N GLU A 196 -28.95 9.75 16.83
CA GLU A 196 -28.01 8.70 16.42
C GLU A 196 -27.81 8.70 14.91
N LEU A 197 -27.63 9.89 14.32
CA LEU A 197 -27.42 9.99 12.89
C LEU A 197 -26.02 9.52 12.54
N LYS A 198 -25.84 9.06 11.30
CA LYS A 198 -24.55 8.56 10.85
C LYS A 198 -23.67 9.64 10.20
N VAL A 199 -22.68 10.10 10.97
CA VAL A 199 -21.71 11.10 10.50
C VAL A 199 -20.39 10.70 11.16
N MET A 200 -19.51 10.10 10.36
CA MET A 200 -18.22 9.62 10.84
C MET A 200 -18.23 8.87 12.18
N ASP A 201 -17.04 8.42 12.57
CA ASP A 201 -16.84 7.68 13.80
C ASP A 201 -17.09 8.57 15.02
N LEU A 202 -17.50 7.97 16.15
CA LEU A 202 -17.78 8.75 17.34
C LEU A 202 -16.56 9.51 17.87
N ALA A 203 -15.43 8.82 17.95
CA ALA A 203 -14.20 9.44 18.43
C ALA A 203 -13.90 10.73 17.67
N ALA A 204 -14.10 10.69 16.36
CA ALA A 204 -13.84 11.84 15.50
C ALA A 204 -14.88 12.94 15.73
N PHE A 205 -16.16 12.58 15.55
CA PHE A 205 -17.25 13.52 15.73
C PHE A 205 -17.10 14.23 17.07
N THR A 206 -16.94 13.44 18.13
CA THR A 206 -16.78 13.96 19.47
C THR A 206 -15.64 14.95 19.52
N LEU A 207 -14.54 14.60 18.86
CA LEU A 207 -13.38 15.47 18.83
C LEU A 207 -13.76 16.78 18.15
N ALA A 208 -14.41 16.67 16.99
CA ALA A 208 -14.84 17.85 16.25
C ALA A 208 -15.79 18.69 17.09
N ARG A 209 -16.63 18.03 17.89
CA ARG A 209 -17.57 18.75 18.72
C ARG A 209 -16.89 19.53 19.83
N ASP A 210 -16.10 18.84 20.65
CA ASP A 210 -15.41 19.48 21.75
C ASP A 210 -14.60 20.69 21.33
N HIS A 211 -14.23 20.76 20.06
CA HIS A 211 -13.46 21.89 19.57
C HIS A 211 -14.26 22.82 18.66
N LYS A 212 -15.55 22.54 18.53
CA LYS A 212 -16.43 23.35 17.69
C LYS A 212 -15.93 23.42 16.26
N LEU A 213 -15.46 22.29 15.74
CA LEU A 213 -14.99 22.25 14.37
C LEU A 213 -16.22 21.93 13.53
N PRO A 214 -16.69 22.90 12.74
CA PRO A 214 -17.88 22.62 11.92
C PRO A 214 -17.60 21.59 10.84
N ILE A 215 -18.62 20.84 10.48
CA ILE A 215 -18.46 19.80 9.50
C ILE A 215 -19.48 19.99 8.40
N ARG A 216 -19.08 19.68 7.18
CA ARG A 216 -19.98 19.77 6.04
C ARG A 216 -19.89 18.45 5.30
N VAL A 217 -21.01 17.75 5.24
CA VAL A 217 -21.07 16.47 4.56
C VAL A 217 -21.63 16.78 3.18
N PHE A 218 -20.95 16.32 2.14
CA PHE A 218 -21.40 16.58 0.77
C PHE A 218 -21.01 15.44 -0.16
N ASN A 219 -21.53 15.48 -1.38
CA ASN A 219 -21.27 14.45 -2.36
C ASN A 219 -20.10 14.81 -3.28
N MET A 220 -19.02 14.04 -3.18
CA MET A 220 -17.83 14.31 -3.99
C MET A 220 -17.97 13.80 -5.41
N ASN A 221 -19.05 13.07 -5.69
CA ASN A 221 -19.27 12.54 -7.03
C ASN A 221 -20.08 13.52 -7.85
N LYS A 222 -20.72 14.47 -7.18
CA LYS A 222 -21.51 15.47 -7.88
C LYS A 222 -20.60 16.62 -8.28
N PRO A 223 -20.17 16.64 -9.56
CA PRO A 223 -19.28 17.68 -10.08
C PRO A 223 -19.75 19.08 -9.69
N GLY A 224 -18.83 19.87 -9.14
CA GLY A 224 -19.19 21.22 -8.73
C GLY A 224 -19.67 21.31 -7.30
N ALA A 225 -19.94 20.15 -6.70
CA ALA A 225 -20.41 20.12 -5.31
C ALA A 225 -19.38 20.81 -4.43
N LEU A 226 -18.13 20.39 -4.55
CA LEU A 226 -17.07 20.95 -3.76
C LEU A 226 -17.04 22.48 -3.89
N ARG A 227 -17.11 22.97 -5.12
CA ARG A 227 -17.10 24.41 -5.37
C ARG A 227 -18.30 25.08 -4.70
N ARG A 228 -19.47 24.46 -4.82
CA ARG A 228 -20.69 24.99 -4.22
C ARG A 228 -20.54 25.15 -2.71
N VAL A 229 -19.97 24.13 -2.07
CA VAL A 229 -19.78 24.16 -0.63
C VAL A 229 -18.89 25.32 -0.21
N VAL A 230 -17.83 25.57 -0.97
CA VAL A 230 -16.92 26.65 -0.63
C VAL A 230 -17.51 27.99 -1.03
N MET A 231 -18.46 27.97 -1.94
CA MET A 231 -19.08 29.22 -2.37
C MET A 231 -20.32 29.56 -1.53
N GLY A 232 -20.53 28.79 -0.47
CA GLY A 232 -21.67 29.03 0.39
C GLY A 232 -23.02 28.84 -0.29
N GLU A 233 -23.09 27.90 -1.22
CA GLU A 233 -24.33 27.61 -1.92
C GLU A 233 -24.96 26.37 -1.28
N LYS A 234 -26.28 26.25 -1.39
CA LYS A 234 -26.98 25.12 -0.80
C LYS A 234 -26.41 23.81 -1.32
N GLU A 235 -25.75 23.06 -0.45
CA GLU A 235 -25.16 21.79 -0.81
C GLU A 235 -24.74 20.96 0.39
N GLY A 236 -25.22 19.72 0.45
CA GLY A 236 -24.88 18.86 1.56
C GLY A 236 -25.43 19.39 2.87
N THR A 237 -24.96 18.82 3.97
CA THR A 237 -25.40 19.20 5.30
C THR A 237 -24.30 19.88 6.11
N LEU A 238 -24.69 20.88 6.90
CA LEU A 238 -23.74 21.58 7.75
C LEU A 238 -23.94 21.09 9.19
N ILE A 239 -22.85 20.87 9.91
CA ILE A 239 -22.95 20.42 11.29
C ILE A 239 -22.15 21.36 12.16
N THR A 240 -22.83 22.09 13.03
CA THR A 240 -22.16 23.05 13.90
C THR A 240 -22.74 23.01 15.31
N GLU A 241 -22.77 24.17 15.97
CA GLU A 241 -23.30 24.33 17.32
C GLU A 241 -22.24 23.88 18.32
N THR B 3 13.40 -38.12 5.77
CA THR B 3 14.08 -39.20 6.53
C THR B 3 15.55 -39.32 6.15
N ASN B 4 16.43 -39.07 7.12
CA ASN B 4 17.88 -39.14 6.93
C ASN B 4 18.37 -38.06 5.98
N ALA B 5 17.50 -37.61 5.08
CA ALA B 5 17.86 -36.58 4.12
C ALA B 5 18.04 -35.25 4.86
N LYS B 6 18.86 -34.38 4.28
CA LYS B 6 19.12 -33.08 4.88
C LYS B 6 18.98 -32.03 3.77
N PRO B 7 18.70 -30.78 4.15
CA PRO B 7 18.56 -29.71 3.14
C PRO B 7 19.82 -29.52 2.32
N VAL B 8 19.66 -29.05 1.09
CA VAL B 8 20.79 -28.85 0.20
C VAL B 8 21.29 -27.40 0.25
N TYR B 9 20.57 -26.57 1.00
CA TYR B 9 20.95 -25.18 1.13
C TYR B 9 21.02 -24.79 2.58
N LYS B 10 21.91 -23.86 2.88
CA LYS B 10 22.08 -23.38 4.25
C LYS B 10 21.44 -22.01 4.37
N ARG B 11 21.45 -21.26 3.27
CA ARG B 11 20.90 -19.90 3.24
C ARG B 11 20.30 -19.63 1.87
N ILE B 12 19.06 -19.19 1.86
CA ILE B 12 18.39 -18.91 0.60
C ILE B 12 17.76 -17.53 0.58
N LEU B 13 17.49 -17.04 -0.62
CA LEU B 13 16.81 -15.78 -0.78
C LEU B 13 15.51 -16.20 -1.46
N LEU B 14 14.44 -16.20 -0.69
CA LEU B 14 13.12 -16.56 -1.19
C LEU B 14 12.39 -15.31 -1.66
N LYS B 15 12.04 -15.27 -2.94
CA LYS B 15 11.34 -14.14 -3.51
C LYS B 15 9.89 -14.54 -3.72
N LEU B 16 9.01 -13.99 -2.89
CA LEU B 16 7.59 -14.27 -2.95
C LEU B 16 6.94 -13.24 -3.86
N SER B 17 6.45 -13.69 -5.01
CA SER B 17 5.81 -12.78 -5.96
C SER B 17 4.46 -12.34 -5.43
N GLY B 18 4.12 -11.08 -5.68
CA GLY B 18 2.86 -10.54 -5.21
C GLY B 18 1.69 -11.33 -5.75
N GLU B 19 1.75 -11.67 -7.03
CA GLU B 19 0.71 -12.43 -7.68
C GLU B 19 0.34 -13.64 -6.84
N ALA B 20 1.34 -14.41 -6.42
CA ALA B 20 1.11 -15.61 -5.63
C ALA B 20 0.48 -15.32 -4.28
N LEU B 21 0.39 -14.05 -3.90
CA LEU B 21 -0.21 -13.71 -2.62
C LEU B 21 -1.70 -13.36 -2.80
N GLN B 22 -2.12 -13.25 -4.05
CA GLN B 22 -3.51 -12.91 -4.39
C GLN B 22 -4.50 -14.04 -4.09
N GLY B 23 -4.29 -15.19 -4.71
CA GLY B 23 -5.18 -16.32 -4.50
C GLY B 23 -6.67 -15.99 -4.63
N THR B 24 -7.08 -15.55 -5.82
CA THR B 24 -8.47 -15.21 -6.10
C THR B 24 -8.92 -13.93 -5.42
N GLU B 25 -10.01 -13.34 -5.90
CA GLU B 25 -10.54 -12.10 -5.35
C GLU B 25 -9.44 -11.08 -5.05
N PHE B 27 -8.53 -7.68 -5.64
CA PHE B 27 -7.13 -8.05 -5.42
C PHE B 27 -6.87 -8.27 -3.93
N GLY B 28 -5.83 -7.62 -3.41
CA GLY B 28 -5.51 -7.74 -2.00
C GLY B 28 -4.62 -8.91 -1.66
N ILE B 29 -4.73 -9.39 -0.44
CA ILE B 29 -3.92 -10.50 0.01
C ILE B 29 -4.83 -11.62 0.49
N ASP B 30 -4.40 -12.85 0.26
CA ASP B 30 -5.17 -14.01 0.70
C ASP B 30 -4.57 -14.51 2.02
N ALA B 31 -5.28 -14.28 3.10
CA ALA B 31 -4.83 -14.68 4.44
C ALA B 31 -4.37 -16.14 4.54
N SER B 32 -5.16 -17.06 3.96
CA SER B 32 -4.86 -18.48 4.01
C SER B 32 -3.54 -18.85 3.33
N ILE B 33 -3.16 -18.10 2.31
CA ILE B 33 -1.92 -18.37 1.61
C ILE B 33 -0.75 -17.92 2.49
N LEU B 34 -0.91 -16.75 3.10
CA LEU B 34 0.11 -16.18 3.97
C LEU B 34 0.33 -17.12 5.15
N ASP B 35 -0.78 -17.62 5.70
CA ASP B 35 -0.71 -18.52 6.84
C ASP B 35 -0.01 -19.82 6.50
N ARG B 36 -0.17 -20.29 5.27
CA ARG B 36 0.46 -21.53 4.86
C ARG B 36 1.96 -21.30 4.64
N MET B 37 2.30 -20.17 4.03
CA MET B 37 3.69 -19.83 3.76
C MET B 37 4.44 -19.70 5.07
N ALA B 38 3.77 -19.17 6.09
CA ALA B 38 4.42 -19.00 7.39
C ALA B 38 4.80 -20.38 7.95
N GLN B 39 3.92 -21.36 7.73
CA GLN B 39 4.18 -22.71 8.20
C GLN B 39 5.34 -23.35 7.43
N GLU B 40 5.40 -23.10 6.12
CA GLU B 40 6.46 -23.68 5.31
C GLU B 40 7.80 -23.03 5.61
N ILE B 41 7.79 -21.71 5.83
CA ILE B 41 9.01 -21.02 6.16
C ILE B 41 9.43 -21.44 7.58
N LYS B 42 8.44 -21.63 8.45
CA LYS B 42 8.70 -22.07 9.81
C LYS B 42 9.54 -23.34 9.78
N GLU B 43 9.12 -24.28 8.95
CA GLU B 43 9.82 -25.55 8.80
C GLU B 43 11.28 -25.38 8.35
N LEU B 44 11.52 -24.45 7.43
CA LEU B 44 12.88 -24.22 6.97
C LEU B 44 13.74 -23.68 8.10
N VAL B 45 13.20 -22.73 8.86
CA VAL B 45 13.93 -22.16 9.99
C VAL B 45 14.33 -23.27 10.95
N GLU B 46 13.39 -24.15 11.27
CA GLU B 46 13.66 -25.24 12.19
C GLU B 46 14.72 -26.17 11.59
N LEU B 47 14.74 -26.27 10.27
CA LEU B 47 15.70 -27.13 9.59
C LEU B 47 17.08 -26.49 9.58
N GLY B 48 17.20 -25.33 10.21
CA GLY B 48 18.46 -24.63 10.27
C GLY B 48 18.77 -23.77 9.05
N ILE B 49 17.81 -23.67 8.13
CA ILE B 49 18.03 -22.86 6.95
C ILE B 49 17.77 -21.39 7.22
N GLN B 50 18.75 -20.55 6.89
CA GLN B 50 18.62 -19.11 7.08
C GLN B 50 17.84 -18.56 5.89
N VAL B 51 16.77 -17.82 6.19
CA VAL B 51 15.92 -17.33 5.15
C VAL B 51 15.78 -15.82 5.00
N GLY B 52 16.09 -15.35 3.80
CA GLY B 52 15.94 -13.96 3.46
C GLY B 52 14.77 -13.97 2.51
N VAL B 53 13.80 -13.08 2.67
CA VAL B 53 12.63 -13.06 1.80
C VAL B 53 12.42 -11.72 1.10
N VAL B 54 12.39 -11.73 -0.22
CA VAL B 54 12.14 -10.51 -0.96
C VAL B 54 10.72 -10.69 -1.48
N ILE B 55 9.84 -9.77 -1.11
CA ILE B 55 8.45 -9.90 -1.52
C ILE B 55 8.03 -8.89 -2.59
N GLY B 56 7.17 -9.36 -3.48
CA GLY B 56 6.67 -8.52 -4.57
C GLY B 56 5.53 -7.63 -4.10
N GLY B 57 4.92 -6.93 -5.06
CA GLY B 57 3.84 -6.02 -4.75
C GLY B 57 2.81 -5.95 -5.86
N GLY B 58 3.10 -6.59 -6.98
CA GLY B 58 2.18 -6.58 -8.11
C GLY B 58 0.75 -7.02 -7.84
N ASN B 59 0.49 -7.54 -6.64
CA ASN B 59 -0.87 -7.96 -6.31
C ASN B 59 -1.65 -6.74 -5.86
N LEU B 60 -0.96 -5.60 -5.79
CA LEU B 60 -1.57 -4.36 -5.37
C LEU B 60 -1.31 -3.28 -6.41
N PHE B 61 -0.04 -2.95 -6.64
CA PHE B 61 0.28 -1.93 -7.63
C PHE B 61 1.56 -2.24 -8.42
N ARG B 62 1.54 -1.90 -9.71
CA ARG B 62 2.67 -2.05 -10.60
C ARG B 62 2.88 -0.67 -11.18
N GLY B 63 4.05 -0.08 -10.92
CA GLY B 63 4.35 1.24 -11.42
C GLY B 63 4.04 1.42 -12.88
N ALA B 64 4.59 0.52 -13.70
CA ALA B 64 4.37 0.56 -15.15
C ALA B 64 2.87 0.66 -15.44
N GLY B 65 2.10 -0.18 -14.76
CA GLY B 65 0.67 -0.19 -14.96
C GLY B 65 0.04 1.15 -14.64
N LEU B 66 0.48 1.77 -13.55
CA LEU B 66 -0.04 3.07 -13.14
C LEU B 66 0.36 4.16 -14.14
N ALA B 67 1.55 4.03 -14.69
CA ALA B 67 2.06 5.01 -15.64
C ALA B 67 1.21 5.05 -16.90
N LYS B 68 0.85 3.88 -17.42
CA LYS B 68 0.01 3.82 -18.62
C LYS B 68 -1.29 4.56 -18.37
N ALA B 69 -1.78 4.50 -17.14
CA ALA B 69 -3.02 5.19 -16.80
C ALA B 69 -2.80 6.70 -16.73
N GLY B 70 -1.53 7.15 -16.83
CA GLY B 70 -1.24 8.58 -16.82
C GLY B 70 -0.35 9.11 -15.71
N MET B 71 -0.16 8.32 -14.67
CA MET B 71 0.66 8.73 -13.54
C MET B 71 2.15 8.81 -13.87
N ASN B 72 2.87 9.68 -13.17
CA ASN B 72 4.30 9.77 -13.38
C ASN B 72 4.88 8.42 -12.98
N ARG B 73 5.70 7.84 -13.85
CA ARG B 73 6.28 6.53 -13.59
C ARG B 73 6.99 6.41 -12.26
N VAL B 74 7.74 7.43 -11.85
CA VAL B 74 8.46 7.37 -10.58
C VAL B 74 7.50 7.23 -9.39
N VAL B 75 6.42 8.00 -9.39
CA VAL B 75 5.45 7.94 -8.32
C VAL B 75 4.75 6.58 -8.38
N GLY B 76 4.55 6.07 -9.60
CA GLY B 76 3.92 4.77 -9.74
C GLY B 76 4.79 3.68 -9.13
N ASP B 77 6.10 3.78 -9.35
CA ASP B 77 7.03 2.82 -8.78
C ASP B 77 7.12 2.98 -7.26
N HIS B 78 7.01 4.20 -6.77
CA HIS B 78 7.05 4.41 -5.32
C HIS B 78 5.82 3.72 -4.71
N MET B 79 4.70 3.81 -5.40
CA MET B 79 3.52 3.16 -4.88
C MET B 79 3.76 1.66 -4.90
N GLY B 80 4.34 1.16 -5.99
CA GLY B 80 4.61 -0.25 -6.10
C GLY B 80 5.50 -0.71 -4.97
N MET B 81 6.55 0.06 -4.70
CA MET B 81 7.44 -0.31 -3.63
C MET B 81 6.70 -0.32 -2.30
N LEU B 82 5.83 0.66 -2.09
CA LEU B 82 5.06 0.71 -0.85
C LEU B 82 4.19 -0.53 -0.74
N ALA B 83 3.68 -0.98 -1.88
CA ALA B 83 2.85 -2.16 -1.91
C ALA B 83 3.63 -3.36 -1.39
N THR B 84 4.93 -3.42 -1.69
CA THR B 84 5.73 -4.56 -1.21
C THR B 84 5.87 -4.46 0.31
N VAL B 85 5.88 -3.26 0.84
CA VAL B 85 5.99 -3.09 2.29
C VAL B 85 4.71 -3.57 2.93
N MET B 86 3.59 -3.40 2.23
CA MET B 86 2.30 -3.85 2.76
C MET B 86 2.29 -5.36 2.82
N ASN B 87 2.81 -6.00 1.78
CA ASN B 87 2.87 -7.45 1.75
C ASN B 87 3.88 -7.93 2.80
N GLY B 88 5.02 -7.25 2.89
CA GLY B 88 6.03 -7.62 3.86
C GLY B 88 5.46 -7.55 5.27
N LEU B 89 4.60 -6.56 5.49
CA LEU B 89 3.95 -6.36 6.79
C LEU B 89 3.03 -7.56 7.08
N ALA B 90 2.19 -7.91 6.12
CA ALA B 90 1.27 -9.02 6.29
C ALA B 90 2.04 -10.34 6.47
N MET B 91 3.09 -10.53 5.67
CA MET B 91 3.88 -11.75 5.76
C MET B 91 4.58 -11.84 7.11
N ARG B 92 5.18 -10.76 7.57
CA ARG B 92 5.85 -10.77 8.85
C ARG B 92 4.86 -11.18 9.93
N ASP B 93 3.69 -10.54 9.92
CA ASP B 93 2.69 -10.88 10.92
C ASP B 93 2.32 -12.35 10.90
N ALA B 94 2.14 -12.91 9.70
CA ALA B 94 1.80 -14.31 9.58
C ALA B 94 2.93 -15.15 10.22
N LEU B 95 4.17 -14.68 10.06
CA LEU B 95 5.31 -15.36 10.63
C LEU B 95 5.28 -15.25 12.17
N HIS B 96 4.98 -14.07 12.68
CA HIS B 96 4.92 -13.91 14.13
C HIS B 96 3.82 -14.75 14.75
N ARG B 97 2.65 -14.76 14.12
CA ARG B 97 1.53 -15.53 14.66
C ARG B 97 1.81 -17.03 14.57
N ALA B 98 2.80 -17.40 13.77
CA ALA B 98 3.17 -18.80 13.63
C ALA B 98 4.37 -19.07 14.54
N TYR B 99 4.70 -18.09 15.37
CA TYR B 99 5.80 -18.19 16.30
C TYR B 99 7.15 -18.37 15.61
N VAL B 100 7.36 -17.56 14.58
CA VAL B 100 8.61 -17.58 13.85
C VAL B 100 9.24 -16.22 14.04
N ASN B 101 10.49 -16.18 14.47
CA ASN B 101 11.16 -14.91 14.68
C ASN B 101 11.41 -14.28 13.31
N ALA B 102 10.91 -13.07 13.12
CA ALA B 102 11.07 -12.39 11.84
C ALA B 102 11.16 -10.88 11.95
N ARG B 103 11.93 -10.30 11.04
CA ARG B 103 12.14 -8.86 10.96
C ARG B 103 11.76 -8.38 9.56
N LEU B 104 11.16 -7.20 9.49
CA LEU B 104 10.81 -6.62 8.22
C LEU B 104 11.74 -5.43 8.01
N MET B 105 12.52 -5.46 6.94
CA MET B 105 13.40 -4.35 6.62
C MET B 105 12.87 -3.76 5.32
N SER B 106 13.06 -2.46 5.14
CA SER B 106 12.56 -1.78 3.95
C SER B 106 13.67 -0.96 3.29
N ALA B 107 13.78 -1.05 1.96
CA ALA B 107 14.78 -0.31 1.22
C ALA B 107 14.56 1.18 1.45
N ILE B 108 13.31 1.58 1.58
CA ILE B 108 13.05 2.97 1.87
C ILE B 108 12.54 3.05 3.30
N PRO B 109 13.29 3.75 4.16
CA PRO B 109 12.97 3.92 5.58
C PRO B 109 11.53 4.34 5.85
N LEU B 110 10.87 3.56 6.70
CA LEU B 110 9.51 3.77 7.09
C LEU B 110 9.48 3.54 8.59
N ASN B 111 10.58 3.95 9.22
CA ASN B 111 10.78 3.82 10.67
C ASN B 111 9.48 3.84 11.47
N GLY B 112 9.40 2.94 12.45
CA GLY B 112 8.22 2.84 13.29
C GLY B 112 7.42 1.60 12.96
N VAL B 113 7.12 1.43 11.67
CA VAL B 113 6.36 0.30 11.17
C VAL B 113 7.28 -0.88 10.86
N CYS B 114 8.52 -0.58 10.48
CA CYS B 114 9.50 -1.63 10.21
C CYS B 114 10.90 -1.06 10.15
N ASP B 115 11.87 -1.96 10.27
CA ASP B 115 13.27 -1.61 10.23
C ASP B 115 13.69 -1.11 8.87
N SER B 116 14.74 -0.32 8.85
CA SER B 116 15.30 0.18 7.62
C SER B 116 16.30 -0.90 7.20
N TYR B 117 16.29 -1.31 5.93
CA TYR B 117 17.21 -2.35 5.49
C TYR B 117 18.64 -2.02 5.83
N SER B 118 19.35 -2.99 6.38
CA SER B 118 20.75 -2.83 6.75
C SER B 118 21.47 -4.15 6.52
N TRP B 119 22.45 -4.13 5.62
CA TRP B 119 23.20 -5.32 5.28
C TRP B 119 23.80 -6.00 6.51
N ALA B 120 24.57 -5.25 7.30
CA ALA B 120 25.19 -5.81 8.49
C ALA B 120 24.13 -6.42 9.39
N GLU B 121 23.07 -5.67 9.63
CA GLU B 121 22.00 -6.14 10.48
C GLU B 121 21.39 -7.41 9.88
N ALA B 122 21.10 -7.37 8.59
CA ALA B 122 20.52 -8.50 7.90
C ALA B 122 21.35 -9.78 8.10
N ILE B 123 22.65 -9.67 7.92
CA ILE B 123 23.50 -10.84 8.07
C ILE B 123 23.44 -11.33 9.50
N SER B 124 23.49 -10.39 10.43
CA SER B 124 23.46 -10.78 11.84
C SER B 124 22.13 -11.48 12.17
N LEU B 125 21.04 -10.99 11.62
CA LEU B 125 19.74 -11.62 11.88
C LEU B 125 19.69 -13.03 11.29
N LEU B 126 20.14 -13.19 10.06
CA LEU B 126 20.14 -14.49 9.42
C LEU B 126 20.97 -15.49 10.21
N ARG B 127 22.14 -15.07 10.66
CA ARG B 127 23.00 -15.95 11.43
C ARG B 127 22.30 -16.35 12.73
N ASN B 128 21.41 -15.50 13.21
CA ASN B 128 20.66 -15.80 14.42
C ASN B 128 19.32 -16.46 14.13
N ASN B 129 19.19 -17.00 12.93
CA ASN B 129 17.98 -17.70 12.53
C ASN B 129 16.71 -16.87 12.54
N ARG B 130 16.83 -15.60 12.17
CA ARG B 130 15.66 -14.74 12.09
C ARG B 130 15.32 -14.69 10.61
N VAL B 131 14.04 -14.80 10.28
CA VAL B 131 13.64 -14.70 8.89
C VAL B 131 13.69 -13.20 8.62
N VAL B 132 14.40 -12.81 7.58
CA VAL B 132 14.52 -11.40 7.25
C VAL B 132 13.69 -11.12 6.01
N ILE B 133 12.73 -10.22 6.14
CA ILE B 133 11.89 -9.87 5.01
C ILE B 133 12.38 -8.54 4.44
N LEU B 134 12.73 -8.54 3.15
CA LEU B 134 13.23 -7.33 2.48
C LEU B 134 12.15 -6.73 1.60
N SER B 135 11.70 -5.53 1.95
CA SER B 135 10.64 -4.89 1.18
C SER B 135 11.12 -3.61 0.47
N ALA B 136 10.28 -3.10 -0.42
CA ALA B 136 10.60 -1.91 -1.22
C ALA B 136 11.68 -2.26 -2.23
N GLY B 137 11.84 -3.55 -2.46
CA GLY B 137 12.82 -4.02 -3.43
C GLY B 137 14.17 -3.33 -3.35
N THR B 138 14.61 -2.76 -4.47
CA THR B 138 15.91 -2.10 -4.53
C THR B 138 15.83 -0.66 -4.04
N GLY B 139 14.63 -0.18 -3.80
CA GLY B 139 14.48 1.19 -3.36
C GLY B 139 14.45 2.18 -4.50
N ASN B 140 14.74 1.72 -5.71
CA ASN B 140 14.74 2.60 -6.88
C ASN B 140 13.65 2.29 -7.89
N PRO B 141 13.13 3.34 -8.55
CA PRO B 141 12.09 3.12 -9.56
C PRO B 141 12.78 2.52 -10.77
N PHE B 142 11.99 2.03 -11.72
CA PHE B 142 12.51 1.42 -12.93
C PHE B 142 13.10 0.03 -12.73
N PHE B 143 12.84 -0.56 -11.57
CA PHE B 143 13.33 -1.92 -11.26
C PHE B 143 12.16 -2.75 -10.74
N THR B 144 12.36 -4.06 -10.64
CA THR B 144 11.33 -4.96 -10.16
C THR B 144 11.86 -5.65 -8.92
N THR B 145 10.99 -6.36 -8.20
CA THR B 145 11.47 -7.05 -7.01
C THR B 145 12.39 -8.20 -7.42
N ASP B 146 12.27 -8.66 -8.67
CA ASP B 146 13.15 -9.73 -9.13
C ASP B 146 14.59 -9.23 -9.09
N SER B 147 14.79 -7.95 -9.39
CA SER B 147 16.13 -7.38 -9.34
C SER B 147 16.58 -7.30 -7.88
N ALA B 148 15.65 -6.97 -7.00
CA ALA B 148 15.97 -6.87 -5.58
C ALA B 148 16.33 -8.25 -5.06
N ALA B 149 15.60 -9.27 -5.52
CA ALA B 149 15.85 -10.64 -5.07
C ALA B 149 17.25 -11.06 -5.44
N CYS B 150 17.69 -10.72 -6.65
CA CYS B 150 19.03 -11.07 -7.08
C CYS B 150 20.08 -10.22 -6.35
N LEU B 151 19.81 -8.93 -6.22
CA LEU B 151 20.75 -8.04 -5.54
C LEU B 151 20.91 -8.44 -4.06
N ARG B 152 19.80 -8.60 -3.36
CA ARG B 152 19.85 -8.98 -1.96
C ARG B 152 20.43 -10.38 -1.79
N GLY B 153 20.12 -11.26 -2.75
CA GLY B 153 20.63 -12.61 -2.69
C GLY B 153 22.15 -12.59 -2.73
N ILE B 154 22.69 -11.78 -3.62
CA ILE B 154 24.14 -11.65 -3.76
C ILE B 154 24.71 -11.00 -2.50
N GLU B 155 24.01 -9.97 -2.01
CA GLU B 155 24.43 -9.24 -0.83
C GLU B 155 24.55 -10.10 0.42
N ILE B 156 23.55 -10.93 0.69
CA ILE B 156 23.56 -11.79 1.87
C ILE B 156 24.27 -13.10 1.60
N GLU B 157 24.85 -13.23 0.40
CA GLU B 157 25.57 -14.44 0.01
C GLU B 157 24.69 -15.69 0.15
N ALA B 158 23.48 -15.60 -0.37
CA ALA B 158 22.55 -16.73 -0.34
C ALA B 158 23.10 -17.79 -1.28
N ASN B 159 22.79 -19.06 -1.01
CA ASN B 159 23.28 -20.15 -1.85
C ASN B 159 22.45 -20.21 -3.13
N VAL B 160 21.27 -19.61 -3.09
CA VAL B 160 20.40 -19.67 -4.23
C VAL B 160 19.21 -18.72 -4.06
N VAL B 161 18.64 -18.33 -5.18
CA VAL B 161 17.46 -17.48 -5.19
C VAL B 161 16.31 -18.41 -5.60
N LEU B 162 15.28 -18.49 -4.76
CA LEU B 162 14.13 -19.33 -5.05
C LEU B 162 13.00 -18.41 -5.49
N LYS B 163 12.66 -18.40 -6.76
CA LYS B 163 11.58 -17.53 -7.22
C LYS B 163 10.24 -18.26 -7.06
N ALA B 164 9.44 -17.83 -6.09
CA ALA B 164 8.14 -18.44 -5.86
C ALA B 164 7.14 -17.72 -6.72
N THR B 165 6.45 -18.48 -7.59
CA THR B 165 5.46 -17.93 -8.50
C THR B 165 4.18 -18.77 -8.46
N LYS B 166 3.34 -18.61 -9.49
CA LYS B 166 2.09 -19.36 -9.57
C LYS B 166 2.14 -20.45 -10.63
N VAL B 167 3.29 -20.60 -11.27
CA VAL B 167 3.46 -21.62 -12.29
C VAL B 167 4.58 -22.57 -11.87
N ASP B 168 4.43 -23.83 -12.22
CA ASP B 168 5.41 -24.84 -11.85
C ASP B 168 6.85 -24.51 -12.19
N GLY B 169 7.05 -23.57 -13.11
CA GLY B 169 8.41 -23.22 -13.47
C GLY B 169 8.51 -22.19 -14.58
N VAL B 170 9.63 -22.21 -15.29
CA VAL B 170 9.85 -21.26 -16.39
C VAL B 170 9.29 -21.83 -17.70
N PHE B 171 8.11 -21.36 -18.11
CA PHE B 171 7.51 -21.85 -19.34
C PHE B 171 7.99 -21.15 -20.61
N THR B 172 7.58 -21.67 -21.76
CA THR B 172 7.95 -21.09 -23.05
C THR B 172 7.02 -19.92 -23.35
N ALA B 173 6.00 -19.75 -22.51
CA ALA B 173 5.02 -18.65 -22.63
C ALA B 173 4.01 -18.78 -21.49
N ASP B 174 3.37 -17.66 -21.13
CA ASP B 174 2.38 -17.63 -20.05
C ASP B 174 1.40 -18.80 -20.19
N PRO B 175 1.53 -19.81 -19.33
CA PRO B 175 0.66 -21.00 -19.35
C PRO B 175 -0.84 -20.77 -19.24
N ALA B 176 -1.25 -19.64 -18.67
CA ALA B 176 -2.68 -19.36 -18.53
C ALA B 176 -3.27 -18.59 -19.72
N LYS B 177 -2.46 -18.36 -20.75
CA LYS B 177 -2.92 -17.64 -21.93
C LYS B 177 -2.50 -18.31 -23.23
N ASP B 178 -1.45 -19.12 -23.18
CA ASP B 178 -0.98 -19.81 -24.37
C ASP B 178 -1.02 -21.32 -24.11
N PRO B 179 -1.80 -22.06 -24.92
CA PRO B 179 -1.90 -23.50 -24.73
C PRO B 179 -0.67 -24.26 -25.21
N THR B 180 0.25 -23.58 -25.87
CA THR B 180 1.48 -24.21 -26.35
C THR B 180 2.52 -24.17 -25.23
N ALA B 181 2.21 -23.43 -24.18
CA ALA B 181 3.10 -23.25 -23.03
C ALA B 181 3.72 -24.55 -22.54
N THR B 182 5.04 -24.53 -22.39
CA THR B 182 5.79 -25.69 -21.91
C THR B 182 6.95 -25.17 -21.07
N MET B 183 7.25 -25.86 -19.98
CA MET B 183 8.36 -25.41 -19.14
C MET B 183 9.54 -26.35 -19.20
N TYR B 184 10.72 -25.79 -18.96
CA TYR B 184 11.94 -26.58 -18.96
C TYR B 184 12.20 -26.93 -17.51
N GLU B 185 13.01 -27.96 -17.29
CA GLU B 185 13.34 -28.37 -15.94
C GLU B 185 14.75 -27.88 -15.64
N GLN B 186 15.48 -27.54 -16.69
CA GLN B 186 16.85 -27.07 -16.56
C GLN B 186 17.21 -26.06 -17.65
N LEU B 187 18.00 -25.06 -17.27
CA LEU B 187 18.43 -24.02 -18.19
C LEU B 187 19.69 -23.37 -17.67
N THR B 188 20.46 -22.77 -18.57
CA THR B 188 21.67 -22.08 -18.19
C THR B 188 21.36 -20.62 -18.41
N TYR B 189 22.15 -19.74 -17.81
CA TYR B 189 21.90 -18.32 -18.02
C TYR B 189 21.87 -18.07 -19.51
N SER B 190 22.74 -18.79 -20.23
CA SER B 190 22.84 -18.66 -21.68
C SER B 190 21.56 -19.08 -22.38
N GLU B 191 21.12 -20.30 -22.12
CA GLU B 191 19.91 -20.83 -22.74
C GLU B 191 18.72 -19.89 -22.50
N VAL B 192 18.72 -19.20 -21.36
CA VAL B 192 17.64 -18.28 -21.05
C VAL B 192 17.81 -17.00 -21.86
N LEU B 193 18.88 -16.97 -22.65
CA LEU B 193 19.19 -15.81 -23.48
C LEU B 193 18.98 -16.11 -24.96
N GLU B 194 19.29 -17.34 -25.36
CA GLU B 194 19.13 -17.77 -26.75
C GLU B 194 17.66 -18.13 -26.96
N LYS B 195 17.10 -18.85 -25.99
CA LYS B 195 15.71 -19.26 -26.04
C LYS B 195 14.84 -18.07 -25.61
N GLU B 196 15.49 -16.95 -25.32
CA GLU B 196 14.80 -15.73 -24.90
C GLU B 196 13.66 -16.07 -23.94
N LEU B 197 13.89 -17.03 -23.06
CA LEU B 197 12.90 -17.46 -22.09
C LEU B 197 12.68 -16.42 -21.00
N LYS B 198 11.51 -16.48 -20.37
CA LYS B 198 11.18 -15.53 -19.31
C LYS B 198 11.39 -16.12 -17.92
N VAL B 199 12.21 -15.44 -17.13
CA VAL B 199 12.51 -15.86 -15.77
C VAL B 199 12.36 -14.62 -14.89
N MET B 200 13.09 -13.59 -15.26
CA MET B 200 13.09 -12.32 -14.56
C MET B 200 13.47 -11.26 -15.59
N ASP B 201 13.47 -9.99 -15.20
CA ASP B 201 13.86 -8.95 -16.13
C ASP B 201 15.35 -9.14 -16.38
N LEU B 202 15.77 -8.97 -17.62
CA LEU B 202 17.18 -9.14 -17.99
C LEU B 202 18.13 -8.46 -17.00
N ALA B 203 17.71 -7.31 -16.48
CA ALA B 203 18.53 -6.55 -15.54
C ALA B 203 18.89 -7.42 -14.33
N ALA B 204 17.91 -8.13 -13.81
CA ALA B 204 18.12 -9.00 -12.66
C ALA B 204 18.98 -10.17 -13.06
N PHE B 205 18.45 -10.98 -13.96
CA PHE B 205 19.10 -12.17 -14.47
C PHE B 205 20.59 -11.97 -14.68
N THR B 206 20.93 -10.93 -15.46
CA THR B 206 22.32 -10.61 -15.75
C THR B 206 23.12 -10.50 -14.47
N LEU B 207 22.54 -9.83 -13.48
CA LEU B 207 23.21 -9.66 -12.20
C LEU B 207 23.46 -11.03 -11.59
N ALA B 208 22.43 -11.86 -11.57
CA ALA B 208 22.53 -13.20 -11.01
C ALA B 208 23.57 -14.02 -11.77
N ARG B 209 23.67 -13.80 -13.07
CA ARG B 209 24.63 -14.54 -13.87
C ARG B 209 26.06 -14.14 -13.55
N ASP B 210 26.36 -12.85 -13.68
CA ASP B 210 27.71 -12.35 -13.42
C ASP B 210 28.25 -12.79 -12.07
N HIS B 211 27.36 -13.11 -11.12
CA HIS B 211 27.80 -13.55 -9.81
C HIS B 211 27.58 -15.04 -9.56
N LYS B 212 27.12 -15.74 -10.59
CA LYS B 212 26.87 -17.17 -10.50
C LYS B 212 25.88 -17.50 -9.39
N LEU B 213 24.84 -16.69 -9.28
CA LEU B 213 23.83 -16.94 -8.27
C LEU B 213 22.82 -17.84 -8.94
N PRO B 214 22.73 -19.10 -8.50
CA PRO B 214 21.77 -20.02 -9.11
C PRO B 214 20.32 -19.63 -8.81
N ILE B 215 19.42 -19.93 -9.74
CA ILE B 215 18.03 -19.58 -9.57
C ILE B 215 17.11 -20.76 -9.82
N ARG B 216 16.19 -21.00 -8.89
CA ARG B 216 15.22 -22.08 -9.06
C ARG B 216 13.83 -21.50 -8.97
N VAL B 217 13.06 -21.68 -10.04
CA VAL B 217 11.69 -21.18 -10.12
C VAL B 217 10.75 -22.32 -9.83
N PHE B 218 9.82 -22.09 -8.91
CA PHE B 218 8.87 -23.12 -8.53
C PHE B 218 7.52 -22.47 -8.22
N ASN B 219 6.49 -23.29 -8.06
CA ASN B 219 5.14 -22.80 -7.77
C ASN B 219 4.91 -22.79 -6.27
N MET B 220 4.58 -21.63 -5.70
CA MET B 220 4.36 -21.60 -4.27
C MET B 220 2.89 -21.90 -3.94
N ASN B 221 2.09 -22.13 -4.97
CA ASN B 221 0.68 -22.48 -4.75
C ASN B 221 0.62 -23.97 -4.45
N LYS B 222 1.73 -24.65 -4.66
CA LYS B 222 1.83 -26.08 -4.40
C LYS B 222 2.31 -26.29 -2.97
N PRO B 223 1.41 -26.70 -2.08
CA PRO B 223 1.82 -26.92 -0.69
C PRO B 223 3.00 -27.87 -0.61
N GLY B 224 4.04 -27.46 0.11
CA GLY B 224 5.21 -28.29 0.28
C GLY B 224 6.25 -28.21 -0.83
N ALA B 225 5.98 -27.44 -1.87
CA ALA B 225 6.93 -27.33 -2.95
C ALA B 225 8.23 -26.66 -2.49
N LEU B 226 8.11 -25.67 -1.61
CA LEU B 226 9.29 -25.00 -1.12
C LEU B 226 10.17 -25.99 -0.36
N ARG B 227 9.53 -26.88 0.39
CA ARG B 227 10.28 -27.87 1.15
C ARG B 227 10.98 -28.82 0.20
N ARG B 228 10.29 -29.19 -0.87
CA ARG B 228 10.86 -30.09 -1.87
C ARG B 228 12.16 -29.48 -2.41
N VAL B 229 12.08 -28.20 -2.80
CA VAL B 229 13.25 -27.50 -3.34
C VAL B 229 14.42 -27.59 -2.37
N VAL B 230 14.18 -27.17 -1.14
CA VAL B 230 15.18 -27.17 -0.07
C VAL B 230 15.78 -28.55 0.23
N MET B 231 15.00 -29.60 -0.01
CA MET B 231 15.49 -30.95 0.25
C MET B 231 16.17 -31.56 -0.98
N GLY B 232 16.14 -30.82 -2.09
CA GLY B 232 16.77 -31.31 -3.30
C GLY B 232 15.91 -32.26 -4.10
N GLU B 233 14.60 -32.06 -4.08
CA GLU B 233 13.73 -32.94 -4.84
C GLU B 233 13.17 -32.25 -6.07
N LYS B 234 12.95 -33.04 -7.12
CA LYS B 234 12.43 -32.54 -8.37
C LYS B 234 11.28 -31.53 -8.21
N GLU B 235 11.57 -30.26 -8.47
CA GLU B 235 10.56 -29.18 -8.39
C GLU B 235 11.03 -27.95 -9.13
N GLY B 236 10.13 -27.41 -9.96
CA GLY B 236 10.45 -26.21 -10.71
C GLY B 236 11.54 -26.29 -11.75
N THR B 237 12.09 -25.13 -12.08
CA THR B 237 13.14 -25.02 -13.07
C THR B 237 14.42 -24.48 -12.44
N LEU B 238 15.52 -25.21 -12.62
CA LEU B 238 16.79 -24.77 -12.09
C LEU B 238 17.52 -24.02 -13.18
N ILE B 239 18.07 -22.86 -12.82
CA ILE B 239 18.82 -22.05 -13.77
C ILE B 239 20.20 -21.82 -13.17
N THR B 240 21.20 -22.47 -13.76
CA THR B 240 22.56 -22.34 -13.28
C THR B 240 23.46 -21.95 -14.45
N GLU B 241 24.76 -21.90 -14.20
CA GLU B 241 25.73 -21.55 -15.23
C GLU B 241 25.99 -22.75 -16.14
#